data_1S03
#
_entry.id   1S03
#
_cell.length_a   61.22
_cell.length_b   61.22
_cell.length_c   332.52
_cell.angle_alpha   90.00
_cell.angle_beta   90.00
_cell.angle_gamma   120.00
#
_symmetry.space_group_name_H-M   'P 32 2 1'
#
loop_
_entity.id
_entity.type
_entity.pdbx_description
1 polymer 47-MER
2 polymer '30S ribosomal protein S8'
3 non-polymer 'ZINC ION'
4 water water
#
loop_
_entity_poly.entity_id
_entity_poly.type
_entity_poly.pdbx_seq_one_letter_code
_entity_poly.pdbx_strand_id
1 'polyribonucleotide' GGACGAUGGCGAAACUGCAUGAGGCAAUUCAUGCAAGUCCCUCGUCC A,B
2 'polypeptide(L)'
;SMQDPIADMLTRIRNGQAANKAAVTMPSSKLKVAIANVLKEEGFIEDFKVEGDTKPELELTLKYFQGKAVVESIQRVSRP
GLRIYKRKDELPKVMAGLGIAVVSTSKGVMTDRAARQAGLGGEIICYVA
;
H,G
#
loop_
_chem_comp.id
_chem_comp.type
_chem_comp.name
_chem_comp.formula
A RNA linking ADENOSINE-5'-MONOPHOSPHATE 'C10 H14 N5 O7 P'
C RNA linking CYTIDINE-5'-MONOPHOSPHATE 'C9 H14 N3 O8 P'
G RNA linking GUANOSINE-5'-MONOPHOSPHATE 'C10 H14 N5 O8 P'
U RNA linking URIDINE-5'-MONOPHOSPHATE 'C9 H13 N2 O9 P'
ZN non-polymer 'ZINC ION' 'Zn 2'
#
# COMPACT_ATOMS: atom_id res chain seq x y z
N GLN C 3 -17.43 -7.02 19.70
CA GLN C 3 -18.12 -6.74 21.00
C GLN C 3 -17.19 -6.97 22.21
N ASP C 4 -16.56 -8.13 22.29
CA ASP C 4 -15.53 -8.35 23.29
C ASP C 4 -14.17 -8.82 22.75
N PRO C 5 -13.42 -7.90 22.21
CA PRO C 5 -12.06 -8.12 21.77
C PRO C 5 -11.11 -8.84 22.72
N ILE C 6 -11.29 -8.81 24.05
CA ILE C 6 -10.43 -9.62 24.91
C ILE C 6 -10.77 -11.10 24.86
N ALA C 7 -12.04 -11.47 24.81
CA ALA C 7 -12.34 -12.86 24.70
C ALA C 7 -11.67 -13.48 23.48
N ASP C 8 -11.59 -12.74 22.35
CA ASP C 8 -10.98 -13.26 21.13
C ASP C 8 -9.52 -13.58 21.49
N MET C 9 -8.80 -12.62 22.06
CA MET C 9 -7.49 -12.94 22.58
C MET C 9 -7.50 -14.25 23.32
N LEU C 10 -8.34 -14.37 24.33
CA LEU C 10 -8.20 -15.52 25.20
C LEU C 10 -8.63 -16.79 24.45
N THR C 11 -9.63 -16.66 23.59
CA THR C 11 -10.09 -17.79 22.84
C THR C 11 -8.99 -18.23 21.91
N ARG C 12 -8.27 -17.26 21.37
CA ARG C 12 -7.28 -17.56 20.36
C ARG C 12 -6.12 -18.27 20.98
N ILE C 13 -5.73 -17.83 22.18
CA ILE C 13 -4.69 -18.50 22.95
C ILE C 13 -5.17 -19.90 23.30
N ARG C 14 -6.28 -20.01 24.00
CA ARG C 14 -6.90 -21.28 24.33
C ARG C 14 -6.88 -22.28 23.14
N ASN C 15 -7.26 -21.79 21.95
CA ASN C 15 -7.38 -22.62 20.77
C ASN C 15 -6.02 -22.99 20.21
N GLY C 16 -5.13 -22.00 20.16
CA GLY C 16 -3.77 -22.19 19.72
C GLY C 16 -3.10 -23.31 20.50
N GLN C 17 -3.30 -23.30 21.80
CA GLN C 17 -2.62 -24.24 22.67
C GLN C 17 -3.22 -25.64 22.59
N ALA C 18 -4.50 -25.72 22.22
CA ALA C 18 -5.19 -27.01 22.05
C ALA C 18 -4.81 -27.70 20.75
N ALA C 19 -4.38 -26.91 19.78
CA ALA C 19 -3.98 -27.37 18.45
C ALA C 19 -2.47 -27.22 18.24
N ASN C 20 -1.72 -27.07 19.34
CA ASN C 20 -0.26 -26.97 19.30
C ASN C 20 0.34 -25.98 18.30
N LYS C 21 -0.41 -24.95 17.92
CA LYS C 21 0.07 -23.91 17.02
C LYS C 21 1.20 -23.19 17.72
N ALA C 22 2.27 -22.90 16.99
CA ALA C 22 3.42 -22.26 17.59
C ALA C 22 3.13 -20.78 17.87
N ALA C 23 2.33 -20.18 17.02
CA ALA C 23 1.95 -18.78 17.20
C ALA C 23 0.49 -18.53 16.86
N VAL C 24 -0.04 -17.46 17.44
CA VAL C 24 -1.35 -16.95 17.07
C VAL C 24 -1.23 -15.47 16.85
N THR C 25 -1.98 -14.97 15.89
CA THR C 25 -1.95 -13.56 15.51
C THR C 25 -3.38 -13.00 15.47
N MET C 26 -3.51 -11.69 15.70
CA MET C 26 -4.82 -11.05 15.90
C MET C 26 -4.67 -9.55 15.80
N PRO C 27 -5.75 -8.82 15.57
CA PRO C 27 -5.66 -7.38 15.53
C PRO C 27 -5.16 -6.91 16.89
N SER C 28 -4.31 -5.90 16.92
CA SER C 28 -3.76 -5.48 18.16
C SER C 28 -4.67 -4.44 18.82
N SER C 29 -4.48 -4.21 20.13
CA SER C 29 -4.87 -2.97 20.78
C SER C 29 -3.85 -2.69 21.85
N LYS C 30 -3.91 -1.53 22.48
CA LYS C 30 -2.97 -1.19 23.56
C LYS C 30 -3.27 -2.08 24.77
N LEU C 31 -4.56 -2.36 25.00
CA LEU C 31 -4.94 -3.22 26.09
C LEU C 31 -4.40 -4.64 25.89
N LYS C 32 -4.57 -5.16 24.67
CA LYS C 32 -4.11 -6.50 24.32
C LYS C 32 -2.63 -6.59 24.57
N VAL C 33 -1.90 -5.53 24.20
CA VAL C 33 -0.47 -5.55 24.30
C VAL C 33 -0.19 -5.52 25.78
N ALA C 34 -0.99 -4.80 26.55
CA ALA C 34 -0.67 -4.75 27.98
C ALA C 34 -0.80 -6.13 28.56
N ILE C 35 -1.89 -6.84 28.22
CA ILE C 35 -2.13 -8.19 28.70
C ILE C 35 -1.02 -9.08 28.24
N ALA C 36 -0.65 -8.97 26.98
CA ALA C 36 0.40 -9.86 26.42
C ALA C 36 1.71 -9.69 27.22
N ASN C 37 1.97 -8.47 27.61
CA ASN C 37 3.10 -8.14 28.43
C ASN C 37 3.14 -8.87 29.81
N VAL C 38 1.98 -8.98 30.45
CA VAL C 38 1.91 -9.61 31.76
C VAL C 38 2.06 -11.10 31.53
N LEU C 39 1.34 -11.61 30.53
CA LEU C 39 1.37 -13.02 30.20
C LEU C 39 2.80 -13.44 29.94
N LYS C 40 3.63 -12.52 29.45
CA LYS C 40 5.01 -12.90 29.18
C LYS C 40 5.85 -12.92 30.45
N GLU C 41 5.73 -11.88 31.28
CA GLU C 41 6.54 -11.79 32.47
C GLU C 41 6.28 -13.04 33.29
N GLU C 42 5.05 -13.52 33.24
CA GLU C 42 4.68 -14.66 34.07
C GLU C 42 4.83 -16.02 33.38
N GLY C 43 5.82 -16.27 32.56
CA GLY C 43 5.91 -17.56 31.89
C GLY C 43 4.79 -18.19 31.05
N PHE C 44 3.77 -17.43 30.63
CA PHE C 44 2.65 -18.01 29.87
C PHE C 44 2.74 -17.96 28.32
N ILE C 45 3.55 -17.07 27.77
CA ILE C 45 3.86 -17.06 26.36
C ILE C 45 5.36 -16.82 26.22
N GLU C 46 5.98 -17.22 25.10
CA GLU C 46 7.41 -16.96 24.85
C GLU C 46 7.64 -15.46 24.54
N ASP C 47 6.94 -14.92 23.55
CA ASP C 47 7.08 -13.54 23.10
C ASP C 47 5.76 -12.99 22.50
N PHE C 48 5.68 -11.67 22.35
CA PHE C 48 4.66 -11.05 21.54
C PHE C 48 5.35 -10.00 20.72
N LYS C 49 4.86 -9.70 19.52
CA LYS C 49 5.30 -8.52 18.76
C LYS C 49 4.19 -7.96 17.91
N VAL C 50 4.34 -6.68 17.50
CA VAL C 50 3.36 -5.96 16.69
C VAL C 50 3.93 -5.66 15.28
N GLU C 51 3.15 -5.93 14.23
CA GLU C 51 3.61 -5.80 12.83
C GLU C 51 2.66 -4.91 11.98
N GLY C 52 3.25 -4.09 11.11
CA GLY C 52 2.50 -3.15 10.28
C GLY C 52 1.94 -1.97 11.06
N ASP C 53 1.51 -0.95 10.32
CA ASP C 53 1.01 0.30 10.92
C ASP C 53 -0.51 0.50 10.80
N THR C 54 -1.03 0.31 9.58
CA THR C 54 -2.46 0.51 9.24
C THR C 54 -3.35 -0.48 9.97
N LYS C 55 -3.09 -1.77 9.74
CA LYS C 55 -3.58 -2.84 10.61
C LYS C 55 -2.39 -3.36 11.42
N PRO C 56 -2.25 -2.92 12.66
CA PRO C 56 -1.36 -3.60 13.60
C PRO C 56 -1.88 -5.02 13.90
N GLU C 57 -1.10 -6.03 13.53
CA GLU C 57 -1.34 -7.41 13.93
C GLU C 57 -0.53 -7.61 15.24
N LEU C 58 -1.07 -8.36 16.19
CA LEU C 58 -0.31 -8.77 17.36
C LEU C 58 -0.03 -10.24 17.26
N GLU C 59 1.25 -10.61 17.35
CA GLU C 59 1.70 -11.99 17.17
C GLU C 59 2.09 -12.49 18.55
N LEU C 60 1.49 -13.59 19.01
CA LEU C 60 1.92 -14.20 20.26
C LEU C 60 2.57 -15.54 19.96
N THR C 61 3.74 -15.76 20.53
CA THR C 61 4.41 -17.01 20.42
C THR C 61 4.10 -17.82 21.68
N LEU C 62 3.28 -18.86 21.49
CA LEU C 62 2.87 -19.76 22.57
C LEU C 62 4.01 -20.62 23.15
N LYS C 63 3.77 -21.18 24.32
CA LYS C 63 4.80 -21.89 25.06
C LYS C 63 4.39 -23.31 25.34
N TYR C 64 5.37 -24.20 25.26
CA TYR C 64 5.14 -25.61 25.44
C TYR C 64 6.22 -26.18 26.33
N PHE C 65 5.83 -26.98 27.32
CA PHE C 65 6.78 -27.61 28.24
C PHE C 65 7.05 -29.07 27.89
N GLN C 66 7.84 -29.28 26.85
CA GLN C 66 8.14 -30.63 26.42
C GLN C 66 6.86 -31.41 26.04
N GLY C 67 5.99 -30.78 25.24
CA GLY C 67 4.84 -31.47 24.70
C GLY C 67 3.51 -31.06 25.28
N LYS C 68 3.53 -30.12 26.21
CA LYS C 68 2.30 -29.64 26.83
C LYS C 68 2.05 -28.20 26.48
N ALA C 69 0.86 -27.71 26.83
CA ALA C 69 0.57 -26.31 26.74
C ALA C 69 0.84 -25.81 28.13
N VAL C 70 1.49 -24.65 28.25
CA VAL C 70 1.85 -24.08 29.53
C VAL C 70 0.62 -23.45 30.18
N VAL C 71 -0.25 -22.87 29.36
CA VAL C 71 -1.52 -22.30 29.82
C VAL C 71 -2.53 -23.42 29.97
N GLU C 72 -2.87 -23.78 31.21
CA GLU C 72 -3.85 -24.87 31.45
C GLU C 72 -5.30 -24.40 31.31
N SER C 73 -5.57 -23.16 31.71
CA SER C 73 -6.89 -22.56 31.51
C SER C 73 -6.73 -21.08 31.53
N ILE C 74 -7.48 -20.43 30.67
CA ILE C 74 -7.47 -18.99 30.60
C ILE C 74 -8.92 -18.53 30.49
N GLN C 75 -9.39 -17.79 31.47
CA GLN C 75 -10.82 -17.45 31.54
C GLN C 75 -11.07 -15.96 31.55
N ARG C 76 -12.08 -15.48 30.84
CA ARG C 76 -12.56 -14.09 31.07
C ARG C 76 -13.20 -13.97 32.45
N VAL C 77 -13.06 -12.86 33.11
CA VAL C 77 -13.80 -12.68 34.36
C VAL C 77 -14.66 -11.46 33.98
N SER C 78 -14.14 -10.24 34.06
CA SER C 78 -14.92 -9.06 33.65
C SER C 78 -15.25 -9.04 32.13
N ARG C 79 -16.43 -8.56 31.73
CA ARG C 79 -16.84 -8.56 30.32
C ARG C 79 -17.79 -7.40 30.19
N PRO C 80 -17.86 -6.83 29.00
CA PRO C 80 -18.92 -5.82 28.75
C PRO C 80 -20.16 -6.65 28.93
N GLY C 81 -21.15 -6.28 29.74
CA GLY C 81 -22.19 -7.26 30.01
C GLY C 81 -22.21 -7.65 31.46
N LEU C 82 -21.03 -7.82 32.07
CA LEU C 82 -20.95 -7.92 33.52
C LEU C 82 -19.57 -7.50 33.95
N ARG C 83 -19.42 -6.22 34.30
CA ARG C 83 -18.11 -5.69 34.71
C ARG C 83 -17.78 -6.15 36.13
N ILE C 84 -16.56 -6.60 36.38
CA ILE C 84 -16.09 -7.11 37.69
C ILE C 84 -14.93 -6.30 38.19
N TYR C 85 -15.10 -5.64 39.33
CA TYR C 85 -14.02 -4.90 39.97
C TYR C 85 -13.73 -5.31 41.42
N LYS C 86 -12.49 -5.21 41.85
CA LYS C 86 -12.12 -5.58 43.23
C LYS C 86 -11.25 -4.52 43.87
N ARG C 87 -11.53 -4.19 45.13
CA ARG C 87 -10.61 -3.39 45.90
C ARG C 87 -9.38 -4.21 46.23
N LYS C 88 -8.32 -3.52 46.64
CA LYS C 88 -7.04 -4.12 46.96
C LYS C 88 -7.19 -5.35 47.83
N ASP C 89 -7.99 -5.20 48.87
CA ASP C 89 -8.18 -6.21 49.91
C ASP C 89 -9.05 -7.37 49.46
N GLU C 90 -9.80 -7.15 48.38
CA GLU C 90 -10.70 -8.15 47.85
C GLU C 90 -10.01 -9.01 46.79
N LEU C 91 -8.79 -8.68 46.37
CA LEU C 91 -8.19 -9.41 45.27
C LEU C 91 -7.87 -10.83 45.76
N PRO C 92 -7.67 -11.79 44.85
CA PRO C 92 -7.13 -13.10 45.23
C PRO C 92 -6.02 -13.02 46.33
N LYS C 93 -6.19 -13.88 47.34
CA LYS C 93 -5.44 -13.80 48.57
C LYS C 93 -4.40 -14.92 48.70
N VAL C 94 -3.91 -15.44 47.58
CA VAL C 94 -2.84 -16.48 47.54
C VAL C 94 -3.31 -17.98 47.64
N MET C 95 -4.53 -18.29 47.20
CA MET C 95 -5.03 -19.68 47.36
C MET C 95 -4.87 -20.60 46.13
N ALA C 96 -5.17 -20.07 44.94
CA ALA C 96 -4.74 -20.70 43.69
C ALA C 96 -3.20 -20.57 43.67
N GLY C 97 -2.53 -21.70 43.51
CA GLY C 97 -1.09 -21.74 43.71
C GLY C 97 -0.27 -21.69 42.45
N LEU C 98 -0.68 -20.84 41.50
CA LEU C 98 0.08 -20.58 40.27
C LEU C 98 -0.79 -19.77 39.35
N GLY C 99 -2.04 -19.61 39.76
CA GLY C 99 -2.95 -18.74 39.07
C GLY C 99 -2.43 -17.33 39.21
N ILE C 100 -2.64 -16.53 38.18
CA ILE C 100 -2.47 -15.12 38.28
C ILE C 100 -3.78 -14.54 37.82
N ALA C 101 -4.23 -13.48 38.45
CA ALA C 101 -5.34 -12.73 37.87
C ALA C 101 -4.70 -11.57 37.17
N VAL C 102 -5.23 -11.20 36.01
CA VAL C 102 -4.66 -10.03 35.36
C VAL C 102 -5.57 -8.84 35.67
N VAL C 103 -5.00 -7.81 36.28
CA VAL C 103 -5.81 -6.71 36.78
C VAL C 103 -5.49 -5.40 36.09
N SER C 104 -6.51 -4.61 35.74
CA SER C 104 -6.28 -3.27 35.18
C SER C 104 -6.49 -2.24 36.26
N THR C 105 -5.41 -1.55 36.58
CA THR C 105 -5.49 -0.64 37.69
C THR C 105 -5.16 0.72 37.19
N SER C 106 -5.39 1.74 38.00
CA SER C 106 -5.10 3.07 37.50
C SER C 106 -3.61 3.31 37.27
N LYS C 107 -2.76 2.34 37.60
CA LYS C 107 -1.34 2.47 37.28
C LYS C 107 -0.89 1.51 36.18
N GLY C 108 -1.84 0.77 35.62
CA GLY C 108 -1.58 -0.01 34.43
C GLY C 108 -2.06 -1.43 34.60
N VAL C 109 -1.87 -2.24 33.58
CA VAL C 109 -2.27 -3.63 33.68
C VAL C 109 -1.20 -4.46 34.35
N MET C 110 -1.53 -5.17 35.44
CA MET C 110 -0.51 -5.92 36.18
C MET C 110 -1.11 -7.17 36.78
N THR C 111 -0.32 -8.04 37.43
CA THR C 111 -0.91 -9.22 38.07
C THR C 111 -1.56 -8.83 39.39
N ASP C 112 -2.39 -9.72 39.90
CA ASP C 112 -3.05 -9.50 41.17
C ASP C 112 -1.99 -9.31 42.30
N ARG C 113 -0.87 -10.03 42.23
CA ARG C 113 0.24 -9.84 43.19
C ARG C 113 0.85 -8.45 43.13
N ALA C 114 0.99 -7.92 41.92
CA ALA C 114 1.65 -6.65 41.76
C ALA C 114 0.71 -5.57 42.24
N ALA C 115 -0.57 -5.73 41.94
CA ALA C 115 -1.53 -4.76 42.46
C ALA C 115 -1.57 -4.72 44.01
N ARG C 116 -1.44 -5.85 44.66
CA ARG C 116 -1.56 -5.92 46.07
C ARG C 116 -0.42 -5.14 46.65
N GLN C 117 0.71 -5.25 45.99
CA GLN C 117 1.94 -4.64 46.42
C GLN C 117 1.95 -3.13 46.23
N ALA C 118 1.15 -2.65 45.28
CA ALA C 118 1.04 -1.23 44.98
C ALA C 118 -0.10 -0.60 45.76
N GLY C 119 -0.89 -1.45 46.42
CA GLY C 119 -1.99 -0.96 47.22
C GLY C 119 -3.17 -0.54 46.34
N LEU C 120 -3.42 -1.25 45.24
CA LEU C 120 -4.53 -0.92 44.35
C LEU C 120 -5.47 -2.11 44.04
N GLY C 121 -6.75 -1.84 43.82
CA GLY C 121 -7.62 -2.80 43.18
C GLY C 121 -7.87 -2.43 41.70
N GLY C 122 -8.92 -2.92 41.06
CA GLY C 122 -9.10 -2.57 39.67
C GLY C 122 -10.01 -3.58 39.05
N GLU C 123 -10.11 -3.54 37.72
CA GLU C 123 -10.99 -4.43 36.98
C GLU C 123 -10.24 -5.75 36.75
N ILE C 124 -10.94 -6.88 36.98
CA ILE C 124 -10.30 -8.17 36.78
C ILE C 124 -10.55 -8.60 35.33
N ILE C 125 -9.50 -8.56 34.52
CA ILE C 125 -9.62 -8.90 33.11
C ILE C 125 -9.76 -10.42 32.88
N CYS C 126 -8.90 -11.23 33.52
CA CYS C 126 -8.96 -12.68 33.39
C CYS C 126 -8.20 -13.46 34.45
N TYR C 127 -8.38 -14.77 34.44
CA TYR C 127 -7.52 -15.66 35.21
C TYR C 127 -6.74 -16.57 34.27
N VAL C 128 -5.47 -16.77 34.57
CA VAL C 128 -4.68 -17.70 33.78
C VAL C 128 -4.08 -18.67 34.73
N ALA C 129 -3.98 -19.91 34.32
CA ALA C 129 -3.29 -20.88 35.16
C ALA C 129 -2.67 -21.94 34.27
N ASP D 4 -5.83 1.51 -36.10
CA ASP D 4 -5.10 2.54 -35.31
C ASP D 4 -3.80 3.16 -35.94
N PRO D 5 -3.97 4.05 -36.89
CA PRO D 5 -2.89 4.85 -37.47
C PRO D 5 -1.93 5.54 -36.51
N ILE D 6 -2.31 5.83 -35.26
CA ILE D 6 -1.33 6.38 -34.29
C ILE D 6 -0.36 5.38 -33.74
N ALA D 7 -0.81 4.14 -33.48
CA ALA D 7 0.18 3.15 -33.12
C ALA D 7 1.30 3.02 -34.17
N ASP D 8 0.94 2.89 -35.46
CA ASP D 8 1.90 2.80 -36.57
C ASP D 8 2.94 3.93 -36.40
N MET D 9 2.48 5.16 -36.25
CA MET D 9 3.38 6.29 -35.98
C MET D 9 4.31 6.00 -34.85
N LEU D 10 3.76 5.59 -33.73
CA LEU D 10 4.59 5.33 -32.57
C LEU D 10 5.52 4.05 -32.74
N THR D 11 4.98 2.95 -33.22
CA THR D 11 5.72 1.76 -33.59
C THR D 11 6.86 2.08 -34.56
N ARG D 12 6.58 2.92 -35.56
CA ARG D 12 7.60 3.30 -36.54
C ARG D 12 8.73 4.09 -35.92
N ILE D 13 8.40 5.04 -35.03
CA ILE D 13 9.43 5.74 -34.26
C ILE D 13 10.22 4.73 -33.38
N ARG D 14 9.51 4.03 -32.51
CA ARG D 14 10.09 3.00 -31.65
C ARG D 14 11.04 2.06 -32.41
N ASN D 15 10.64 1.67 -33.63
CA ASN D 15 11.45 0.77 -34.44
C ASN D 15 12.62 1.48 -35.06
N GLY D 16 12.35 2.62 -35.68
CA GLY D 16 13.37 3.48 -36.25
C GLY D 16 14.49 3.73 -35.28
N GLN D 17 14.17 3.99 -34.02
CA GLN D 17 15.18 4.31 -33.03
C GLN D 17 15.94 3.09 -32.55
N ALA D 18 15.29 1.92 -32.60
CA ALA D 18 15.94 0.66 -32.26
C ALA D 18 16.93 0.20 -33.34
N ALA D 19 16.67 0.64 -34.57
CA ALA D 19 17.48 0.26 -35.71
C ALA D 19 18.34 1.42 -36.23
N ASN D 20 18.46 2.47 -35.42
CA ASN D 20 19.31 3.63 -35.70
C ASN D 20 19.05 4.30 -37.06
N LYS D 21 17.88 4.05 -37.63
CA LYS D 21 17.45 4.68 -38.88
C LYS D 21 17.44 6.19 -38.67
N ALA D 22 18.01 6.93 -39.61
CA ALA D 22 18.07 8.38 -39.52
C ALA D 22 16.71 9.00 -39.72
N ALA D 23 15.88 8.38 -40.55
CA ALA D 23 14.50 8.84 -40.76
C ALA D 23 13.52 7.70 -40.91
N VAL D 24 12.27 7.98 -40.53
CA VAL D 24 11.14 7.10 -40.79
C VAL D 24 10.06 7.86 -41.53
N THR D 25 9.41 7.21 -42.48
CA THR D 25 8.36 7.86 -43.27
C THR D 25 7.06 7.05 -43.25
N MET D 26 5.92 7.73 -43.33
CA MET D 26 4.61 7.08 -43.24
C MET D 26 3.53 7.91 -43.92
N PRO D 27 2.33 7.35 -44.16
CA PRO D 27 1.20 8.15 -44.61
C PRO D 27 0.87 9.22 -43.59
N SER D 28 0.61 10.43 -44.07
CA SER D 28 0.38 11.55 -43.17
C SER D 28 -1.07 11.63 -42.74
N SER D 29 -1.31 12.37 -41.67
CA SER D 29 -2.64 12.90 -41.34
C SER D 29 -2.41 14.21 -40.63
N LYS D 30 -3.46 14.98 -40.42
CA LYS D 30 -3.36 16.24 -39.69
C LYS D 30 -2.99 16.00 -38.21
N LEU D 31 -3.61 14.97 -37.63
CA LEU D 31 -3.34 14.57 -36.27
C LEU D 31 -1.89 14.10 -36.15
N LYS D 32 -1.40 13.34 -37.14
CA LYS D 32 -0.01 12.87 -37.07
C LYS D 32 0.91 14.05 -37.08
N VAL D 33 0.58 15.00 -37.94
CA VAL D 33 1.37 16.21 -38.05
C VAL D 33 1.30 16.97 -36.74
N ALA D 34 0.15 16.96 -36.08
CA ALA D 34 0.09 17.67 -34.81
C ALA D 34 1.00 16.96 -33.80
N ILE D 35 0.90 15.64 -33.72
CA ILE D 35 1.77 14.92 -32.81
C ILE D 35 3.22 15.26 -33.15
N ALA D 36 3.56 15.24 -34.44
CA ALA D 36 4.95 15.37 -34.86
C ALA D 36 5.48 16.70 -34.34
N ASN D 37 4.64 17.72 -34.50
CA ASN D 37 4.94 19.08 -34.06
C ASN D 37 5.25 19.20 -32.57
N VAL D 38 4.49 18.48 -31.73
CA VAL D 38 4.78 18.50 -30.29
C VAL D 38 6.10 17.79 -30.05
N LEU D 39 6.26 16.64 -30.69
CA LEU D 39 7.48 15.83 -30.49
C LEU D 39 8.69 16.69 -30.78
N LYS D 40 8.50 17.67 -31.66
CA LYS D 40 9.61 18.43 -32.14
C LYS D 40 9.92 19.52 -31.17
N GLU D 41 8.89 20.24 -30.71
CA GLU D 41 9.11 21.27 -29.70
C GLU D 41 9.89 20.69 -28.51
N GLU D 42 9.46 19.52 -28.01
CA GLU D 42 10.12 18.88 -26.87
C GLU D 42 11.25 18.03 -27.44
N GLY D 43 12.51 18.41 -27.43
CA GLY D 43 13.44 17.63 -28.24
C GLY D 43 13.40 16.11 -28.57
N PHE D 44 12.29 15.56 -29.09
CA PHE D 44 12.20 14.11 -29.37
C PHE D 44 12.44 13.67 -30.82
N ILE D 45 12.35 14.62 -31.75
CA ILE D 45 12.73 14.40 -33.15
C ILE D 45 13.39 15.66 -33.67
N GLU D 46 14.28 15.53 -34.65
CA GLU D 46 14.99 16.69 -35.21
C GLU D 46 14.00 17.54 -36.05
N ASP D 47 13.33 16.91 -37.02
CA ASP D 47 12.44 17.61 -37.95
C ASP D 47 11.42 16.66 -38.51
N PHE D 48 10.32 17.22 -39.01
CA PHE D 48 9.35 16.49 -39.84
C PHE D 48 9.08 17.32 -41.10
N LYS D 49 8.71 16.66 -42.19
CA LYS D 49 8.13 17.36 -43.33
C LYS D 49 7.19 16.45 -44.13
N VAL D 50 6.29 17.08 -44.89
CA VAL D 50 5.27 16.36 -45.68
C VAL D 50 5.56 16.40 -47.20
N GLU D 51 5.41 15.25 -47.86
CA GLU D 51 5.63 15.07 -49.31
C GLU D 51 4.43 15.51 -50.14
N GLY D 52 4.25 14.87 -51.30
CA GLY D 52 3.35 15.32 -52.37
C GLY D 52 1.85 15.49 -52.15
N ASP D 53 1.09 15.26 -53.23
CA ASP D 53 -0.37 15.50 -53.25
C ASP D 53 -1.19 14.20 -53.28
N THR D 54 -2.46 14.31 -52.88
CA THR D 54 -3.42 13.19 -52.73
C THR D 54 -2.95 12.05 -51.79
N LYS D 55 -1.73 11.57 -52.00
CA LYS D 55 -1.09 10.55 -51.17
C LYS D 55 0.14 11.15 -50.47
N PRO D 56 -0.06 12.00 -49.45
CA PRO D 56 1.08 12.64 -48.77
C PRO D 56 1.81 11.65 -47.86
N GLU D 57 3.12 11.84 -47.71
CA GLU D 57 3.91 11.03 -46.81
C GLU D 57 4.60 11.92 -45.78
N LEU D 58 4.55 11.51 -44.51
CA LEU D 58 5.16 12.28 -43.45
C LEU D 58 6.55 11.69 -43.17
N GLU D 59 7.58 12.55 -43.20
CA GLU D 59 8.95 12.14 -42.91
C GLU D 59 9.29 12.64 -41.53
N LEU D 60 9.76 11.76 -40.65
CA LEU D 60 10.31 12.21 -39.37
C LEU D 60 11.80 11.92 -39.30
N THR D 61 12.56 12.94 -38.92
CA THR D 61 13.99 12.78 -38.75
C THR D 61 14.26 12.52 -37.28
N LEU D 62 14.64 11.29 -36.97
CA LEU D 62 14.90 10.88 -35.61
C LEU D 62 16.17 11.53 -35.02
N LYS D 63 16.31 11.45 -33.71
CA LYS D 63 17.35 12.18 -33.00
C LYS D 63 18.13 11.22 -32.18
N TYR D 64 19.44 11.50 -32.12
CA TYR D 64 20.42 10.67 -31.44
C TYR D 64 21.37 11.55 -30.63
N PHE D 65 21.60 11.17 -29.38
CA PHE D 65 22.50 11.91 -28.49
C PHE D 65 23.83 11.17 -28.39
N GLN D 66 24.67 11.34 -29.40
CA GLN D 66 26.00 10.71 -29.40
C GLN D 66 25.93 9.18 -29.30
N GLY D 67 25.03 8.57 -30.08
CA GLY D 67 24.99 7.11 -30.18
C GLY D 67 23.79 6.49 -29.50
N LYS D 68 22.90 7.32 -28.99
CA LYS D 68 21.73 6.81 -28.30
C LYS D 68 20.46 7.22 -29.00
N ALA D 69 19.33 6.62 -28.65
CA ALA D 69 18.07 7.14 -29.13
C ALA D 69 17.59 8.09 -28.04
N VAL D 70 17.02 9.22 -28.46
CA VAL D 70 16.57 10.24 -27.53
C VAL D 70 15.21 9.83 -26.94
N VAL D 71 14.41 9.11 -27.73
CA VAL D 71 13.15 8.58 -27.26
C VAL D 71 13.40 7.24 -26.57
N GLU D 72 13.32 7.24 -25.24
CA GLU D 72 13.57 6.04 -24.47
C GLU D 72 12.37 5.09 -24.41
N SER D 73 11.15 5.64 -24.46
CA SER D 73 9.94 4.83 -24.61
C SER D 73 8.84 5.69 -25.14
N ILE D 74 8.02 5.13 -26.00
CA ILE D 74 6.90 5.90 -26.55
C ILE D 74 5.67 4.98 -26.56
N GLN D 75 4.67 5.29 -25.74
CA GLN D 75 3.58 4.32 -25.57
C GLN D 75 2.27 4.91 -26.02
N ARG D 76 1.36 4.13 -26.57
CA ARG D 76 0.00 4.62 -26.81
C ARG D 76 -0.73 4.60 -25.49
N VAL D 77 -1.64 5.54 -25.33
CA VAL D 77 -2.43 5.48 -24.13
C VAL D 77 -3.84 5.22 -24.64
N SER D 78 -4.42 6.21 -25.29
CA SER D 78 -5.83 6.14 -25.70
C SER D 78 -5.85 5.41 -27.03
N ARG D 79 -6.77 4.47 -27.22
CA ARG D 79 -6.84 3.73 -28.47
C ARG D 79 -8.30 3.65 -28.81
N PRO D 80 -8.61 3.43 -30.09
CA PRO D 80 -9.97 2.99 -30.46
C PRO D 80 -10.04 1.63 -29.76
N GLY D 81 -11.02 1.44 -28.88
CA GLY D 81 -11.02 0.19 -28.13
C GLY D 81 -11.00 0.48 -26.63
N LEU D 82 -10.22 1.47 -26.24
CA LEU D 82 -10.25 2.04 -24.89
C LEU D 82 -9.83 3.47 -24.98
N ARG D 83 -10.81 4.33 -25.17
CA ARG D 83 -10.56 5.77 -25.20
C ARG D 83 -10.21 6.30 -23.78
N ILE D 84 -9.17 7.12 -23.64
CA ILE D 84 -8.72 7.61 -22.33
C ILE D 84 -8.74 9.11 -22.33
N TYR D 85 -9.52 9.70 -21.42
CA TYR D 85 -9.57 11.16 -21.31
C TYR D 85 -9.37 11.63 -19.90
N LYS D 86 -8.84 12.84 -19.75
CA LYS D 86 -8.53 13.37 -18.42
C LYS D 86 -8.95 14.81 -18.33
N ARG D 87 -9.57 15.19 -17.21
CA ARG D 87 -9.82 16.59 -16.94
C ARG D 87 -8.48 17.26 -16.63
N LYS D 88 -8.48 18.58 -16.69
CA LYS D 88 -7.32 19.40 -16.35
C LYS D 88 -6.61 18.91 -15.10
N ASP D 89 -7.37 18.63 -14.04
CA ASP D 89 -6.78 18.39 -12.72
C ASP D 89 -6.31 16.97 -12.59
N GLU D 90 -6.69 16.13 -13.56
CA GLU D 90 -6.39 14.71 -13.54
C GLU D 90 -5.12 14.43 -14.31
N LEU D 91 -4.63 15.43 -15.03
CA LEU D 91 -3.48 15.22 -15.93
C LEU D 91 -2.25 14.94 -15.08
N PRO D 92 -1.23 14.26 -15.64
CA PRO D 92 0.06 14.10 -14.95
C PRO D 92 0.47 15.37 -14.20
N LYS D 93 0.91 15.17 -12.96
CA LYS D 93 1.04 16.25 -12.00
C LYS D 93 2.51 16.51 -11.67
N VAL D 94 3.40 16.24 -12.63
CA VAL D 94 4.86 16.50 -12.51
C VAL D 94 5.76 15.42 -11.83
N MET D 95 5.37 14.14 -11.88
CA MET D 95 6.15 13.08 -11.18
C MET D 95 7.17 12.33 -12.05
N ALA D 96 6.79 11.99 -13.28
CA ALA D 96 7.74 11.55 -14.31
C ALA D 96 8.54 12.80 -14.71
N GLY D 97 9.86 12.73 -14.56
CA GLY D 97 10.68 13.91 -14.63
C GLY D 97 11.29 14.21 -15.99
N LEU D 98 10.56 13.91 -17.06
CA LEU D 98 10.99 14.22 -18.42
C LEU D 98 10.00 13.63 -19.36
N GLY D 99 9.09 12.82 -18.79
CA GLY D 99 7.91 12.36 -19.50
C GLY D 99 7.03 13.52 -19.94
N ILE D 100 6.55 13.44 -21.16
CA ILE D 100 5.52 14.36 -21.60
C ILE D 100 4.36 13.46 -21.99
N ALA D 101 3.14 13.88 -21.67
CA ALA D 101 1.98 13.24 -22.27
C ALA D 101 1.60 14.16 -23.40
N VAL D 102 1.12 13.60 -24.49
CA VAL D 102 0.70 14.42 -25.59
C VAL D 102 -0.80 14.38 -25.49
N VAL D 103 -1.45 15.51 -25.49
CA VAL D 103 -2.85 15.57 -25.14
C VAL D 103 -3.58 16.24 -26.28
N SER D 104 -4.72 15.70 -26.71
CA SER D 104 -5.55 16.40 -27.68
C SER D 104 -6.64 17.18 -26.95
N THR D 105 -6.56 18.50 -26.97
CA THR D 105 -7.57 19.32 -26.31
C THR D 105 -8.34 20.13 -27.33
N SER D 106 -9.49 20.66 -26.92
CA SER D 106 -10.31 21.38 -27.87
C SER D 106 -9.59 22.63 -28.44
N LYS D 107 -8.37 22.91 -27.99
CA LYS D 107 -7.60 24.01 -28.55
C LYS D 107 -6.35 23.50 -29.28
N GLY D 108 -6.24 22.17 -29.45
CA GLY D 108 -5.21 21.59 -30.28
C GLY D 108 -4.42 20.57 -29.52
N VAL D 109 -3.53 19.88 -30.22
CA VAL D 109 -2.67 18.90 -29.61
C VAL D 109 -1.49 19.63 -28.99
N MET D 110 -1.26 19.41 -27.70
CA MET D 110 -0.20 20.09 -26.97
C MET D 110 0.27 19.17 -25.85
N THR D 111 1.27 19.55 -25.06
CA THR D 111 1.72 18.67 -24.02
C THR D 111 0.80 18.73 -22.83
N ASP D 112 0.92 17.76 -21.93
CA ASP D 112 0.24 17.82 -20.64
C ASP D 112 0.59 19.09 -19.83
N ARG D 113 1.81 19.60 -19.92
CA ARG D 113 2.14 20.87 -19.25
C ARG D 113 1.40 22.03 -19.88
N ALA D 114 1.25 22.02 -21.20
CA ALA D 114 0.69 23.17 -21.89
C ALA D 114 -0.77 23.19 -21.59
N ALA D 115 -1.33 21.99 -21.52
CA ALA D 115 -2.75 21.83 -21.31
C ALA D 115 -3.11 22.32 -19.91
N ARG D 116 -2.21 22.04 -18.96
CA ARG D 116 -2.45 22.44 -17.58
C ARG D 116 -2.56 23.95 -17.49
N GLN D 117 -1.74 24.62 -18.28
CA GLN D 117 -1.53 26.03 -18.22
C GLN D 117 -2.66 26.74 -18.92
N ALA D 118 -3.28 26.05 -19.88
CA ALA D 118 -4.46 26.60 -20.59
C ALA D 118 -5.81 26.31 -19.87
N GLY D 119 -5.75 25.53 -18.78
CA GLY D 119 -6.94 25.15 -18.05
C GLY D 119 -7.73 24.07 -18.77
N LEU D 120 -7.08 23.14 -19.48
CA LEU D 120 -7.81 22.16 -20.27
C LEU D 120 -7.44 20.73 -19.94
N GLY D 121 -8.41 19.82 -20.04
CA GLY D 121 -8.10 18.39 -20.13
C GLY D 121 -8.23 17.94 -21.57
N GLY D 122 -8.38 16.65 -21.80
CA GLY D 122 -8.47 16.13 -23.19
C GLY D 122 -8.16 14.66 -23.30
N GLU D 123 -8.01 14.16 -24.53
CA GLU D 123 -7.71 12.74 -24.78
C GLU D 123 -6.20 12.52 -24.69
N ILE D 124 -5.76 11.52 -23.96
CA ILE D 124 -4.34 11.28 -23.82
C ILE D 124 -3.84 10.35 -24.90
N ILE D 125 -3.08 10.92 -25.83
CA ILE D 125 -2.70 10.20 -27.03
C ILE D 125 -1.59 9.25 -26.75
N CYS D 126 -0.57 9.70 -26.02
CA CYS D 126 0.58 8.87 -25.76
C CYS D 126 1.48 9.48 -24.70
N TYR D 127 2.44 8.67 -24.22
CA TYR D 127 3.50 9.12 -23.32
C TYR D 127 4.84 8.96 -23.98
N VAL D 128 5.64 10.01 -24.03
CA VAL D 128 6.97 9.85 -24.55
C VAL D 128 7.88 10.11 -23.39
N ALA D 129 9.11 9.64 -23.48
CA ALA D 129 10.13 9.89 -22.47
C ALA D 129 11.49 9.38 -22.95
ZN ZN E . -8.68 7.73 27.55
ZN ZN F . -16.67 9.18 18.87
ZN ZN G . -6.50 14.39 36.55
ZN ZN H . -10.52 3.31 23.85
ZN ZN I . -18.31 10.10 49.01
ZN ZN J . -17.43 -1.42 56.23
ZN ZN K . -11.98 -3.66 52.57
ZN ZN L . -14.72 -3.15 59.73
ZN ZN M . -14.58 17.24 -38.03
ZN ZN N . -19.10 8.88 -44.78
ZN ZN O . -14.27 23.66 -3.87
ZN ZN P . -19.94 25.67 -32.39
ZN ZN Q . -20.01 23.68 -6.67
ZN ZN R . -16.58 20.16 -6.47
ZN ZN S . -17.15 -4.32 44.97
ZN ZN T . -12.84 10.71 -16.37
ZN ZN U . 2.98 25.12 -29.14
#